data_8RQN
#
_entry.id   8RQN
#
_cell.length_a   68.563
_cell.length_b   68.563
_cell.length_c   129.725
_cell.angle_alpha   90.00
_cell.angle_beta   90.00
_cell.angle_gamma   120.00
#
_symmetry.space_group_name_H-M   'P 31 2 1'
#
loop_
_entity.id
_entity.type
_entity.pdbx_description
1 polymer 'Thyroid hormone receptor beta'
2 non-polymer 6-azanyl-2-[3,5-bis(chloranyl)-4-[(6-oxidanylidene-5-propan-2-yl-1~{H}-pyridazin-3-yl)oxy]phenyl]-1,2,4-triazine-3,5-dione
#
_entity_poly.entity_id   1
_entity_poly.type   'polypeptide(L)'
_entity_poly.pdbx_seq_one_letter_code
;MGSSHHHHHHSSGLVPRGSHMEELQKSIGHKPEPTDEEWELIKTVTEAHVATNAQGSHWKQKRKFLPEDIGQAPIVNAPE
GGKVDLEAFSHFTKIITPAITRVVDFAKKLPMFCELPCEDQIILLKGCCMEIMSLRAAVRYDPESETLTLNGEMAVTRGQ
LKNGGLGVVSDAIFDLGMSLSSFNLDDTEVALLQAVLLMSSDRPGLACVERIEKYQDSFLLAFEHYINYRKHHVTHFWPK
LLMKVTDLRMIGA(CAF)HASRFLHMKVECPTELFPPLFLEVFED
;
_entity_poly.pdbx_strand_id   A
#
# COMPACT_ATOMS: atom_id res chain seq x y z
N MET A 21 -5.46 29.56 10.63
CA MET A 21 -5.19 28.84 9.36
C MET A 21 -6.18 27.68 9.14
N GLU A 22 -5.90 26.49 9.67
CA GLU A 22 -6.59 25.25 9.26
C GLU A 22 -7.94 25.09 9.96
N GLU A 23 -7.93 25.14 11.28
CA GLU A 23 -9.13 24.89 12.10
C GLU A 23 -10.19 26.02 12.09
N LEU A 24 -9.78 27.27 11.84
CA LEU A 24 -10.73 28.38 11.65
C LEU A 24 -11.53 28.26 10.35
N GLN A 25 -10.83 27.92 9.26
CA GLN A 25 -11.45 27.59 7.96
C GLN A 25 -12.48 26.46 8.07
N LYS A 26 -12.09 25.38 8.75
CA LYS A 26 -12.98 24.26 9.10
C LYS A 26 -14.24 24.71 9.85
N SER A 27 -14.10 25.65 10.78
CA SER A 27 -15.23 26.26 11.50
C SER A 27 -16.17 27.05 10.59
N ILE A 28 -15.59 27.80 9.64
CA ILE A 28 -16.36 28.59 8.64
C ILE A 28 -17.17 27.68 7.72
N GLY A 29 -16.56 26.58 7.27
CA GLY A 29 -17.13 25.66 6.28
C GLY A 29 -16.47 25.69 4.91
N HIS A 30 -15.41 26.48 4.75
CA HIS A 30 -14.53 26.39 3.57
C HIS A 30 -13.81 25.04 3.60
N LYS A 31 -13.75 24.38 2.45
CA LYS A 31 -13.00 23.15 2.27
C LYS A 31 -11.76 23.56 1.44
N PRO A 32 -10.60 23.83 2.10
CA PRO A 32 -9.47 24.44 1.39
C PRO A 32 -8.71 23.50 0.44
N GLU A 33 -8.54 23.92 -0.82
CA GLU A 33 -7.73 23.23 -1.83
C GLU A 33 -6.22 23.41 -1.52
N PRO A 34 -5.31 22.66 -2.18
CA PRO A 34 -3.89 22.70 -1.75
C PRO A 34 -3.14 24.01 -2.04
N THR A 35 -2.17 24.32 -1.18
CA THR A 35 -1.28 25.49 -1.34
C THR A 35 -0.20 25.17 -2.35
N ASP A 36 0.47 26.23 -2.83
CA ASP A 36 1.60 26.11 -3.77
C ASP A 36 2.75 25.23 -3.23
N GLU A 37 3.01 25.30 -1.92
CA GLU A 37 3.95 24.39 -1.22
C GLU A 37 3.47 22.94 -1.28
N GLU A 38 2.18 22.72 -0.99
CA GLU A 38 1.57 21.38 -1.01
C GLU A 38 1.50 20.76 -2.39
N TRP A 39 1.14 21.54 -3.41
CA TRP A 39 1.16 21.07 -4.81
C TRP A 39 2.55 20.54 -5.23
N GLU A 40 3.63 21.22 -4.82
CA GLU A 40 5.02 20.74 -5.02
C GLU A 40 5.29 19.35 -4.37
N LEU A 41 4.76 19.16 -3.15
CA LEU A 41 4.81 17.85 -2.46
C LEU A 41 3.89 16.79 -3.09
N ILE A 42 2.71 17.21 -3.53
CA ILE A 42 1.72 16.33 -4.18
C ILE A 42 2.29 15.75 -5.48
N LYS A 43 2.82 16.63 -6.32
CA LYS A 43 3.52 16.27 -7.58
C LYS A 43 4.66 15.28 -7.38
N THR A 44 5.46 15.49 -6.33
CA THR A 44 6.57 14.60 -5.94
C THR A 44 6.08 13.19 -5.59
N VAL A 45 5.14 13.11 -4.65
CA VAL A 45 4.58 11.83 -4.19
C VAL A 45 3.87 11.05 -5.31
N THR A 46 3.12 11.77 -6.16
CA THR A 46 2.41 11.16 -7.29
C THR A 46 3.39 10.63 -8.33
N GLU A 47 4.36 11.46 -8.75
CA GLU A 47 5.43 11.03 -9.69
C GLU A 47 6.30 9.87 -9.16
N ALA A 48 6.48 9.79 -7.83
CA ALA A 48 7.16 8.65 -7.18
C ALA A 48 6.37 7.34 -7.34
N HIS A 49 5.09 7.43 -7.01
CA HIS A 49 4.12 6.31 -7.18
C HIS A 49 4.00 5.83 -8.63
N VAL A 50 3.82 6.76 -9.56
CA VAL A 50 3.66 6.46 -10.99
C VAL A 50 4.88 5.75 -11.58
N ALA A 51 6.09 6.20 -11.23
CA ALA A 51 7.36 5.53 -11.60
C ALA A 51 7.39 4.07 -11.17
N THR A 52 6.96 3.84 -9.95
CA THR A 52 7.04 2.54 -9.29
C THR A 52 5.77 1.68 -9.45
N ASN A 53 4.76 2.17 -10.17
CA ASN A 53 3.53 1.42 -10.49
C ASN A 53 3.37 1.42 -12.02
N ALA A 54 3.63 0.26 -12.64
CA ALA A 54 3.70 0.14 -14.11
C ALA A 54 2.32 0.14 -14.76
N HIS A 58 -0.57 0.97 -17.71
CA HIS A 58 -1.60 0.28 -18.48
C HIS A 58 -1.88 -1.13 -17.92
N TRP A 59 -2.46 -1.20 -16.72
CA TRP A 59 -2.59 -2.49 -16.00
C TRP A 59 -3.62 -3.50 -16.56
N LYS A 60 -4.76 -3.00 -17.05
CA LYS A 60 -5.93 -3.85 -17.35
C LYS A 60 -5.73 -4.86 -18.52
N GLN A 61 -5.15 -4.40 -19.64
CA GLN A 61 -4.82 -5.28 -20.79
C GLN A 61 -3.51 -6.08 -20.61
N LYS A 62 -2.52 -5.46 -19.95
CA LYS A 62 -1.17 -6.04 -19.72
C LYS A 62 -1.13 -7.38 -18.92
N ARG A 63 -2.13 -7.61 -18.06
CA ARG A 63 -2.19 -8.82 -17.22
C ARG A 63 -2.29 -10.13 -17.99
N LYS A 64 -1.67 -11.18 -17.45
CA LYS A 64 -1.92 -12.58 -17.84
C LYS A 64 -2.39 -13.35 -16.61
N PHE A 65 -3.51 -14.07 -16.74
CA PHE A 65 -4.18 -14.77 -15.62
C PHE A 65 -3.42 -16.03 -15.24
N LEU A 66 -3.18 -16.22 -13.94
CA LEU A 66 -2.58 -17.46 -13.42
C LEU A 66 -3.63 -18.59 -13.54
N PRO A 67 -3.23 -19.81 -13.97
CA PRO A 67 -4.24 -20.85 -14.28
C PRO A 67 -4.97 -21.45 -13.06
N GLU A 68 -6.11 -22.07 -13.32
CA GLU A 68 -7.02 -22.62 -12.28
C GLU A 68 -6.45 -23.80 -11.46
N ASP A 69 -5.68 -24.68 -12.10
CA ASP A 69 -4.98 -25.79 -11.41
C ASP A 69 -3.95 -25.32 -10.36
N ILE A 70 -3.34 -24.15 -10.61
CA ILE A 70 -2.49 -23.46 -9.63
C ILE A 70 -3.46 -22.79 -8.64
N GLY A 71 -3.28 -23.10 -7.35
CA GLY A 71 -4.30 -22.84 -6.33
C GLY A 71 -5.38 -23.92 -6.36
N GLN A 72 -6.48 -23.65 -5.65
CA GLN A 72 -7.60 -24.60 -5.45
C GLN A 72 -7.16 -25.93 -4.84
N VAL A 84 -0.60 -24.96 2.41
CA VAL A 84 -0.15 -24.04 1.35
C VAL A 84 0.16 -24.81 0.06
N ASP A 85 -0.45 -24.40 -1.04
CA ASP A 85 -0.10 -24.91 -2.38
C ASP A 85 1.26 -24.32 -2.77
N LEU A 86 2.27 -25.20 -2.81
CA LEU A 86 3.66 -24.81 -3.08
C LEU A 86 3.87 -24.37 -4.54
N GLU A 87 3.13 -24.99 -5.46
CA GLU A 87 3.11 -24.59 -6.89
C GLU A 87 2.60 -23.14 -7.05
N ALA A 88 1.55 -22.78 -6.29
CA ALA A 88 1.01 -21.40 -6.25
C ALA A 88 1.93 -20.44 -5.50
N PHE A 89 2.47 -20.88 -4.36
CA PHE A 89 3.52 -20.14 -3.61
C PHE A 89 4.70 -19.74 -4.50
N SER A 90 5.16 -20.67 -5.33
CA SER A 90 6.29 -20.45 -6.25
C SER A 90 6.09 -19.31 -7.26
N HIS A 91 4.86 -19.13 -7.74
CA HIS A 91 4.53 -18.02 -8.67
C HIS A 91 4.67 -16.65 -8.02
N PHE A 92 4.13 -16.52 -6.81
CA PHE A 92 4.15 -15.25 -6.08
C PHE A 92 5.58 -14.85 -5.66
N THR A 93 6.34 -15.81 -5.16
CA THR A 93 7.72 -15.57 -4.70
C THR A 93 8.69 -15.12 -5.81
N LYS A 94 8.39 -15.45 -7.07
CA LYS A 94 9.10 -14.88 -8.22
C LYS A 94 8.85 -13.36 -8.33
N ILE A 95 7.58 -12.95 -8.31
CA ILE A 95 7.19 -11.52 -8.39
C ILE A 95 7.38 -10.70 -7.09
N ILE A 96 7.51 -11.36 -5.93
CA ILE A 96 7.58 -10.66 -4.63
C ILE A 96 8.87 -9.84 -4.42
N THR A 97 9.99 -10.31 -5.00
CA THR A 97 11.26 -9.55 -4.95
C THR A 97 11.18 -8.21 -5.72
N PRO A 98 10.54 -8.19 -6.92
CA PRO A 98 10.12 -6.93 -7.57
C PRO A 98 9.18 -6.06 -6.75
N ALA A 99 8.15 -6.68 -6.18
CA ALA A 99 7.15 -6.02 -5.33
C ALA A 99 7.79 -5.24 -4.20
N ILE A 100 8.68 -5.91 -3.46
CA ILE A 100 9.36 -5.32 -2.31
C ILE A 100 10.24 -4.13 -2.77
N THR A 101 11.01 -4.29 -3.84
CA THR A 101 11.85 -3.20 -4.37
C THR A 101 11.05 -1.99 -4.89
N ARG A 102 9.89 -2.24 -5.48
CA ARG A 102 8.96 -1.16 -5.90
C ARG A 102 8.56 -0.24 -4.72
N VAL A 103 8.34 -0.84 -3.55
CA VAL A 103 8.03 -0.09 -2.32
C VAL A 103 9.26 0.66 -1.81
N VAL A 104 10.44 0.04 -1.87
CA VAL A 104 11.70 0.70 -1.44
C VAL A 104 12.06 1.86 -2.37
N ASP A 105 11.93 1.66 -3.68
CA ASP A 105 12.16 2.72 -4.69
C ASP A 105 11.18 3.90 -4.58
N PHE A 106 9.95 3.65 -4.13
CA PHE A 106 8.96 4.70 -3.85
C PHE A 106 9.41 5.59 -2.69
N ALA A 107 9.76 4.93 -1.58
CA ALA A 107 10.36 5.58 -0.41
C ALA A 107 11.62 6.38 -0.74
N LYS A 108 12.52 5.79 -1.53
CA LYS A 108 13.71 6.47 -2.08
C LYS A 108 13.37 7.80 -2.80
N LYS A 109 12.34 7.76 -3.65
CA LYS A 109 11.92 8.93 -4.45
C LYS A 109 11.31 10.09 -3.64
N LEU A 110 10.79 9.81 -2.44
CA LEU A 110 10.34 10.85 -1.49
C LEU A 110 11.58 11.45 -0.79
N PRO A 111 11.72 12.80 -0.76
CA PRO A 111 12.92 13.43 -0.16
C PRO A 111 12.94 13.43 1.39
N MET A 112 11.76 13.52 2.00
CA MET A 112 11.62 13.52 3.47
C MET A 112 12.11 12.20 4.07
N PHE A 113 11.79 11.10 3.40
CA PHE A 113 12.33 9.76 3.72
C PHE A 113 13.87 9.74 3.74
N CYS A 114 14.48 10.36 2.73
CA CYS A 114 15.95 10.43 2.65
C CYS A 114 16.60 11.25 3.77
N GLU A 115 15.88 12.25 4.30
CA GLU A 115 16.35 13.02 5.47
C GLU A 115 16.40 12.23 6.79
N LEU A 116 15.71 11.08 6.88
CA LEU A 116 15.79 10.18 8.05
C LEU A 116 17.06 9.32 8.09
N PRO A 117 17.42 8.77 9.27
CA PRO A 117 18.55 7.82 9.34
C PRO A 117 18.24 6.44 8.75
N CYS A 118 19.31 5.67 8.53
CA CYS A 118 19.19 4.28 8.03
C CYS A 118 18.39 3.35 8.97
N GLU A 119 18.61 3.47 10.29
CA GLU A 119 17.87 2.70 11.30
C GLU A 119 16.35 2.89 11.17
N ASP A 120 15.94 4.16 11.09
CA ASP A 120 14.52 4.53 10.94
C ASP A 120 13.96 4.16 9.56
N GLN A 121 14.72 4.45 8.51
CA GLN A 121 14.37 4.05 7.12
C GLN A 121 14.09 2.57 6.94
N ILE A 122 15.00 1.76 7.48
CA ILE A 122 14.87 0.29 7.49
C ILE A 122 13.60 -0.15 8.26
N ILE A 123 13.43 0.40 9.47
CA ILE A 123 12.24 0.13 10.32
C ILE A 123 10.94 0.49 9.59
N LEU A 124 10.91 1.70 9.02
CA LEU A 124 9.72 2.19 8.29
C LEU A 124 9.35 1.36 7.07
N LEU A 125 10.35 0.90 6.33
CA LEU A 125 10.10 0.02 5.17
C LEU A 125 9.59 -1.34 5.60
N LYS A 126 10.33 -1.98 6.50
CA LYS A 126 9.93 -3.25 7.15
C LYS A 126 8.46 -3.26 7.66
N GLY A 127 8.00 -2.10 8.15
CA GLY A 127 6.63 -1.90 8.60
C GLY A 127 5.61 -1.82 7.50
N CYS A 128 5.67 -0.73 6.73
CA CYS A 128 4.64 -0.41 5.72
C CYS A 128 4.71 -1.19 4.40
N CYS A 129 5.71 -2.05 4.20
CA CYS A 129 5.90 -2.73 2.91
C CYS A 129 4.64 -3.41 2.41
N MET A 130 4.15 -4.37 3.19
CA MET A 130 2.94 -5.12 2.81
C MET A 130 1.66 -4.25 2.80
N GLU A 131 1.60 -3.24 3.68
CA GLU A 131 0.53 -2.23 3.65
C GLU A 131 0.44 -1.57 2.27
N ILE A 132 1.58 -1.08 1.78
CA ILE A 132 1.65 -0.45 0.44
C ILE A 132 1.36 -1.46 -0.68
N MET A 133 1.91 -2.67 -0.55
CA MET A 133 1.69 -3.76 -1.53
C MET A 133 0.21 -4.10 -1.68
N SER A 134 -0.47 -4.28 -0.56
CA SER A 134 -1.89 -4.64 -0.49
C SER A 134 -2.83 -3.59 -1.08
N LEU A 135 -2.59 -2.33 -0.74
CA LEU A 135 -3.34 -1.19 -1.30
C LEU A 135 -3.28 -1.18 -2.81
N ARG A 136 -2.08 -1.36 -3.33
CA ARG A 136 -1.86 -1.40 -4.77
C ARG A 136 -2.60 -2.55 -5.45
N ALA A 137 -2.50 -3.75 -4.89
CA ALA A 137 -3.28 -4.90 -5.37
C ALA A 137 -4.80 -4.70 -5.28
N ALA A 138 -5.27 -4.02 -4.23
CA ALA A 138 -6.70 -3.77 -4.02
C ALA A 138 -7.32 -2.85 -5.07
N VAL A 139 -6.62 -1.77 -5.43
CA VAL A 139 -7.08 -0.86 -6.50
C VAL A 139 -7.08 -1.47 -7.91
N ARG A 140 -6.27 -2.52 -8.15
CA ARG A 140 -6.31 -3.29 -9.42
C ARG A 140 -7.30 -4.47 -9.40
N TYR A 141 -8.47 -4.25 -8.80
CA TYR A 141 -9.50 -5.26 -8.65
C TYR A 141 -10.51 -5.05 -9.80
N ASP A 142 -10.74 -6.10 -10.58
CA ASP A 142 -11.79 -6.13 -11.62
C ASP A 142 -12.98 -6.98 -11.08
N PRO A 143 -14.17 -6.35 -10.89
CA PRO A 143 -15.31 -7.10 -10.34
C PRO A 143 -16.00 -8.10 -11.30
N GLU A 144 -15.81 -7.93 -12.61
CA GLU A 144 -16.40 -8.86 -13.60
C GLU A 144 -15.70 -10.21 -13.52
N SER A 145 -14.37 -10.18 -13.63
CA SER A 145 -13.51 -11.37 -13.47
C SER A 145 -13.26 -11.79 -12.02
N GLU A 146 -13.44 -10.86 -11.07
CA GLU A 146 -13.21 -11.08 -9.62
C GLU A 146 -11.74 -11.42 -9.32
N THR A 147 -10.85 -10.50 -9.71
CA THR A 147 -9.40 -10.69 -9.65
C THR A 147 -8.63 -9.40 -9.37
N LEU A 148 -7.88 -9.40 -8.27
CA LEU A 148 -6.78 -8.46 -8.05
C LEU A 148 -5.70 -8.83 -9.08
N THR A 149 -5.00 -7.80 -9.56
CA THR A 149 -3.93 -7.96 -10.54
C THR A 149 -2.61 -7.57 -9.87
N LEU A 150 -1.87 -8.58 -9.42
CA LEU A 150 -0.62 -8.39 -8.68
C LEU A 150 0.46 -7.88 -9.64
N ASN A 151 1.09 -6.76 -9.26
CA ASN A 151 2.22 -6.12 -9.96
C ASN A 151 1.87 -5.47 -11.32
N GLY A 152 0.59 -5.46 -11.71
CA GLY A 152 0.19 -5.16 -13.08
C GLY A 152 0.69 -6.19 -14.10
N GLU A 153 0.54 -7.47 -13.77
CA GLU A 153 1.04 -8.58 -14.62
C GLU A 153 0.42 -9.96 -14.27
N MET A 154 0.50 -10.34 -12.99
CA MET A 154 -0.08 -11.60 -12.48
C MET A 154 -1.48 -11.33 -11.92
N ALA A 155 -2.52 -11.65 -12.71
CA ALA A 155 -3.93 -11.53 -12.29
C ALA A 155 -4.39 -12.82 -11.62
N VAL A 156 -4.77 -12.73 -10.33
CA VAL A 156 -5.17 -13.91 -9.53
C VAL A 156 -6.54 -13.75 -8.88
N THR A 157 -7.11 -14.88 -8.51
CA THR A 157 -8.40 -14.99 -7.81
C THR A 157 -8.22 -15.02 -6.30
N ARG A 158 -9.35 -14.86 -5.59
CA ARG A 158 -9.41 -14.87 -4.12
C ARG A 158 -8.87 -16.18 -3.53
N GLY A 159 -9.25 -17.30 -4.12
CA GLY A 159 -8.72 -18.60 -3.74
C GLY A 159 -7.23 -18.82 -4.00
N GLN A 160 -6.74 -18.33 -5.15
CA GLN A 160 -5.33 -18.51 -5.54
C GLN A 160 -4.34 -17.83 -4.61
N LEU A 161 -4.61 -16.57 -4.33
CA LEU A 161 -3.82 -15.78 -3.38
C LEU A 161 -3.93 -16.30 -1.94
N LYS A 162 -5.10 -16.83 -1.58
CA LYS A 162 -5.33 -17.44 -0.27
C LYS A 162 -4.53 -18.73 -0.09
N ASN A 163 -4.76 -19.67 -0.99
CA ASN A 163 -4.15 -21.00 -0.91
C ASN A 163 -2.67 -21.01 -1.27
N GLY A 164 -2.26 -20.07 -2.14
CA GLY A 164 -0.85 -19.86 -2.45
C GLY A 164 0.04 -19.35 -1.31
N GLY A 165 -0.56 -18.73 -0.29
CA GLY A 165 0.21 -18.30 0.89
C GLY A 165 -0.55 -17.45 1.90
N LEU A 166 -1.21 -16.41 1.40
CA LEU A 166 -1.79 -15.34 2.24
C LEU A 166 -2.91 -15.75 3.20
N GLY A 167 -3.57 -16.89 2.98
CA GLY A 167 -4.66 -17.33 3.85
C GLY A 167 -5.77 -16.29 3.86
N VAL A 168 -6.22 -15.92 5.05
CA VAL A 168 -7.27 -14.90 5.26
C VAL A 168 -6.89 -13.47 4.80
N VAL A 169 -5.59 -13.19 4.64
CA VAL A 169 -5.12 -11.89 4.13
C VAL A 169 -5.58 -11.67 2.68
N SER A 170 -5.69 -12.76 1.89
CA SER A 170 -6.36 -12.72 0.58
C SER A 170 -7.76 -12.14 0.67
N ASP A 171 -8.56 -12.67 1.59
CA ASP A 171 -9.96 -12.20 1.78
C ASP A 171 -10.05 -10.69 2.12
N ALA A 172 -9.13 -10.21 2.95
CA ALA A 172 -9.11 -8.80 3.35
C ALA A 172 -8.75 -7.84 2.22
N ILE A 173 -7.78 -8.23 1.37
CA ILE A 173 -7.32 -7.38 0.27
C ILE A 173 -8.39 -7.31 -0.82
N PHE A 174 -8.96 -8.47 -1.16
CA PHE A 174 -10.15 -8.54 -2.01
C PHE A 174 -11.31 -7.69 -1.47
N ASP A 175 -11.68 -7.92 -0.21
CA ASP A 175 -12.70 -7.09 0.48
C ASP A 175 -12.42 -5.59 0.43
N LEU A 176 -11.15 -5.22 0.56
CA LEU A 176 -10.72 -3.83 0.45
C LEU A 176 -10.90 -3.34 -0.97
N GLY A 177 -10.37 -4.10 -1.94
CA GLY A 177 -10.49 -3.78 -3.36
C GLY A 177 -11.90 -3.48 -3.81
N MET A 178 -12.84 -4.32 -3.37
CA MET A 178 -14.29 -4.13 -3.55
C MET A 178 -14.78 -2.78 -2.99
N SER A 179 -14.33 -2.45 -1.78
CA SER A 179 -14.65 -1.16 -1.15
C SER A 179 -14.01 0.02 -1.89
N LEU A 180 -12.69 -0.06 -2.13
CA LEU A 180 -11.92 0.99 -2.85
C LEU A 180 -12.33 1.25 -4.32
N SER A 181 -13.02 0.29 -4.96
CA SER A 181 -13.60 0.49 -6.30
C SER A 181 -14.61 1.66 -6.33
N SER A 182 -15.48 1.74 -5.32
CA SER A 182 -16.51 2.79 -5.23
C SER A 182 -16.08 4.14 -4.59
N PHE A 183 -14.82 4.26 -4.18
CA PHE A 183 -14.18 5.58 -3.86
C PHE A 183 -13.65 6.24 -5.14
N ASN A 184 -13.08 5.42 -6.03
CA ASN A 184 -12.50 5.85 -7.31
C ASN A 184 -11.34 6.82 -7.09
N LEU A 185 -10.34 6.32 -6.36
CA LEU A 185 -9.14 7.07 -6.04
C LEU A 185 -8.29 7.21 -7.31
N ASP A 186 -7.89 8.44 -7.64
CA ASP A 186 -6.86 8.68 -8.68
C ASP A 186 -5.44 8.35 -8.15
N ASP A 187 -4.46 8.35 -9.04
CA ASP A 187 -3.08 7.94 -8.71
C ASP A 187 -2.38 8.83 -7.67
N THR A 188 -2.78 10.10 -7.61
CA THR A 188 -2.41 11.03 -6.53
C THR A 188 -2.92 10.55 -5.16
N GLU A 189 -4.21 10.24 -5.10
CA GLU A 189 -4.87 9.78 -3.87
C GLU A 189 -4.30 8.49 -3.30
N VAL A 190 -3.95 7.56 -4.19
CA VAL A 190 -3.22 6.33 -3.82
C VAL A 190 -1.80 6.68 -3.33
N ALA A 191 -1.13 7.59 -4.02
CA ALA A 191 0.23 7.99 -3.70
C ALA A 191 0.35 8.66 -2.33
N LEU A 192 -0.50 9.66 -2.08
CA LEU A 192 -0.56 10.33 -0.77
C LEU A 192 -0.94 9.37 0.36
N LEU A 193 -1.87 8.46 0.05
CA LEU A 193 -2.24 7.38 0.96
C LEU A 193 -1.08 6.44 1.31
N GLN A 194 -0.26 6.10 0.32
CA GLN A 194 0.98 5.31 0.54
C GLN A 194 2.01 6.02 1.43
N ALA A 195 2.18 7.32 1.22
CA ALA A 195 3.10 8.16 2.04
C ALA A 195 2.74 8.18 3.51
N VAL A 196 1.44 8.38 3.78
CA VAL A 196 0.84 8.27 5.13
C VAL A 196 1.22 6.95 5.86
N LEU A 197 1.13 5.83 5.15
CA LEU A 197 1.57 4.53 5.66
C LEU A 197 3.08 4.46 5.91
N LEU A 198 3.89 5.05 5.02
CA LEU A 198 5.36 5.09 5.16
C LEU A 198 5.76 5.85 6.41
N MET A 199 5.30 7.10 6.53
CA MET A 199 5.56 7.95 7.70
C MET A 199 4.63 7.62 8.86
N SER A 200 4.92 6.52 9.55
CA SER A 200 4.14 6.07 10.70
C SER A 200 5.05 6.05 11.92
N SER A 201 4.92 7.08 12.75
CA SER A 201 5.75 7.28 13.95
C SER A 201 5.62 6.21 15.04
N ASP A 202 4.54 5.44 15.03
CA ASP A 202 4.26 4.43 16.05
C ASP A 202 5.00 3.08 15.96
N ARG A 203 5.87 2.86 14.97
CA ARG A 203 6.60 1.59 14.85
C ARG A 203 7.68 1.54 15.95
N PRO A 204 8.07 0.34 16.41
CA PRO A 204 9.12 0.28 17.45
C PRO A 204 10.53 0.61 16.93
N GLY A 205 11.41 0.95 17.87
CA GLY A 205 12.81 1.22 17.54
C GLY A 205 13.13 2.54 16.86
N LEU A 206 12.14 3.41 16.64
CA LEU A 206 12.35 4.66 15.93
C LEU A 206 12.94 5.72 16.86
N ALA A 207 14.04 6.34 16.42
CA ALA A 207 14.64 7.46 17.15
C ALA A 207 13.86 8.74 16.86
N CYS A 208 13.81 9.13 15.58
CA CYS A 208 13.16 10.38 15.14
C CYS A 208 11.65 10.19 15.01
N VAL A 209 10.97 10.08 16.16
CA VAL A 209 9.52 9.83 16.22
C VAL A 209 8.77 11.15 15.97
N GLU A 210 9.15 12.18 16.71
CA GLU A 210 8.64 13.55 16.51
C GLU A 210 8.70 14.00 15.04
N ARG A 211 9.87 13.81 14.43
CA ARG A 211 10.14 14.26 13.05
C ARG A 211 9.30 13.54 12.00
N ILE A 212 9.05 12.23 12.19
CA ILE A 212 8.18 11.44 11.31
C ILE A 212 6.71 11.94 11.37
N GLU A 213 6.22 12.26 12.58
CA GLU A 213 4.86 12.83 12.76
C GLU A 213 4.65 14.11 11.94
N LYS A 214 5.65 14.98 11.94
CA LYS A 214 5.63 16.21 11.13
C LYS A 214 5.45 15.92 9.63
N TYR A 215 6.14 14.90 9.12
CA TYR A 215 6.02 14.49 7.70
C TYR A 215 4.64 13.92 7.37
N GLN A 216 4.19 12.98 8.19
CA GLN A 216 2.84 12.38 8.05
C GLN A 216 1.74 13.45 8.07
N ASP A 217 1.83 14.38 9.02
CA ASP A 217 0.90 15.51 9.11
C ASP A 217 0.85 16.33 7.83
N SER A 218 2.02 16.66 7.28
CA SER A 218 2.09 17.43 6.04
C SER A 218 1.56 16.67 4.82
N PHE A 219 1.65 15.33 4.83
CA PHE A 219 0.94 14.50 3.85
C PHE A 219 -0.57 14.52 4.11
N LEU A 220 -0.96 14.16 5.33
CA LEU A 220 -2.36 14.14 5.78
C LEU A 220 -3.13 15.44 5.48
N LEU A 221 -2.48 16.58 5.72
CA LEU A 221 -3.06 17.91 5.45
C LEU A 221 -3.21 18.14 3.94
N ALA A 222 -2.13 17.88 3.20
CA ALA A 222 -2.14 17.94 1.71
C ALA A 222 -3.16 17.00 1.07
N PHE A 223 -3.30 15.81 1.63
CA PHE A 223 -4.29 14.81 1.21
C PHE A 223 -5.69 15.40 1.37
N GLU A 224 -6.01 15.84 2.60
CA GLU A 224 -7.30 16.47 2.94
C GLU A 224 -7.64 17.60 1.94
N HIS A 225 -6.62 18.39 1.60
CA HIS A 225 -6.73 19.48 0.64
C HIS A 225 -6.93 19.00 -0.79
N TYR A 226 -6.20 17.96 -1.21
CA TYR A 226 -6.37 17.38 -2.55
C TYR A 226 -7.76 16.77 -2.76
N ILE A 227 -8.23 16.03 -1.77
CA ILE A 227 -9.62 15.51 -1.72
C ILE A 227 -10.69 16.60 -1.90
N ASN A 228 -10.43 17.79 -1.35
CA ASN A 228 -11.30 18.95 -1.54
C ASN A 228 -11.23 19.49 -2.99
N TYR A 229 -10.02 19.49 -3.57
CA TYR A 229 -9.84 19.82 -5.01
C TYR A 229 -10.54 18.81 -5.92
N ARG A 230 -10.45 17.53 -5.57
CA ARG A 230 -11.13 16.45 -6.32
C ARG A 230 -12.66 16.53 -6.29
N LYS A 231 -13.22 16.94 -5.14
CA LYS A 231 -14.67 17.08 -4.95
C LYS A 231 -15.37 15.75 -5.19
N HIS A 232 -15.03 14.76 -4.37
CA HIS A 232 -15.72 13.46 -4.37
C HIS A 232 -17.15 13.61 -3.90
N HIS A 233 -18.02 12.79 -4.47
CA HIS A 233 -19.45 12.77 -4.13
C HIS A 233 -19.80 11.46 -3.42
N VAL A 234 -19.06 11.19 -2.34
CA VAL A 234 -19.42 10.25 -1.29
C VAL A 234 -19.47 11.09 -0.02
N THR A 235 -20.54 10.99 0.75
CA THR A 235 -20.66 11.74 2.02
C THR A 235 -19.71 11.19 3.10
N HIS A 236 -19.11 12.10 3.88
CA HIS A 236 -18.06 11.80 4.87
C HIS A 236 -16.84 11.06 4.28
N PHE A 237 -16.43 11.46 3.08
CA PHE A 237 -15.36 10.79 2.29
C PHE A 237 -14.05 10.62 3.06
N TRP A 238 -13.58 11.74 3.62
CA TRP A 238 -12.28 11.79 4.29
C TRP A 238 -12.19 10.91 5.55
N PRO A 239 -13.21 10.96 6.46
CA PRO A 239 -13.29 9.97 7.55
C PRO A 239 -13.31 8.53 7.05
N LYS A 240 -14.19 8.25 6.09
CA LYS A 240 -14.30 6.92 5.47
C LYS A 240 -12.96 6.43 4.88
N LEU A 241 -12.20 7.35 4.29
CA LEU A 241 -10.89 7.03 3.72
C LEU A 241 -9.82 6.79 4.78
N LEU A 242 -9.86 7.53 5.89
CA LEU A 242 -8.99 7.25 7.06
C LEU A 242 -9.24 5.89 7.70
N MET A 243 -10.48 5.42 7.70
CA MET A 243 -10.80 4.05 8.14
C MET A 243 -10.10 2.98 7.30
N LYS A 244 -9.95 3.22 6.00
CA LYS A 244 -9.21 2.30 5.11
C LYS A 244 -7.71 2.24 5.45
N VAL A 245 -7.12 3.34 5.95
CA VAL A 245 -5.72 3.34 6.46
C VAL A 245 -5.55 2.31 7.58
N THR A 246 -6.50 2.28 8.53
CA THR A 246 -6.53 1.28 9.62
C THR A 246 -6.70 -0.15 9.10
N ASP A 247 -7.63 -0.34 8.17
CA ASP A 247 -7.83 -1.63 7.50
C ASP A 247 -6.54 -2.13 6.84
N LEU A 248 -5.79 -1.21 6.21
CA LEU A 248 -4.48 -1.55 5.63
C LEU A 248 -3.45 -1.92 6.69
N ARG A 249 -3.45 -1.19 7.80
CA ARG A 249 -2.60 -1.54 8.95
C ARG A 249 -2.94 -2.90 9.57
N MET A 250 -4.20 -3.33 9.50
CA MET A 250 -4.59 -4.70 9.87
C MET A 250 -4.08 -5.76 8.91
N ILE A 251 -4.16 -5.49 7.61
CA ILE A 251 -3.66 -6.39 6.56
C ILE A 251 -2.17 -6.72 6.82
N GLY A 252 -1.36 -5.69 7.08
CA GLY A 252 0.07 -5.84 7.42
C GLY A 252 0.38 -6.68 8.66
N ALA A 253 -0.39 -6.44 9.72
CA ALA A 253 -0.27 -7.18 10.99
C ALA A 253 -0.68 -8.65 10.87
N HIS A 255 -0.69 -10.19 8.02
CA HIS A 255 0.37 -10.74 7.17
C HIS A 255 1.63 -11.18 7.95
N ALA A 256 2.05 -10.39 8.94
CA ALA A 256 3.16 -10.77 9.83
C ALA A 256 2.97 -12.13 10.49
N SER A 257 1.72 -12.44 10.87
CA SER A 257 1.33 -13.75 11.38
C SER A 257 1.31 -14.84 10.31
N ARG A 258 0.83 -14.51 9.11
CA ARG A 258 0.89 -15.41 7.94
C ARG A 258 2.31 -15.81 7.55
N PHE A 259 3.24 -14.84 7.62
CA PHE A 259 4.65 -15.11 7.34
C PHE A 259 5.24 -16.20 8.24
N LEU A 260 4.90 -16.16 9.52
CA LEU A 260 5.30 -17.21 10.48
C LEU A 260 4.75 -18.58 10.06
N HIS A 261 3.46 -18.62 9.67
CA HIS A 261 2.83 -19.85 9.14
C HIS A 261 3.45 -20.32 7.81
N MET A 262 3.74 -19.36 6.92
CA MET A 262 4.46 -19.62 5.68
C MET A 262 5.85 -20.23 5.92
N LYS A 263 6.61 -19.65 6.86
CA LYS A 263 7.94 -20.18 7.27
C LYS A 263 7.90 -21.64 7.79
N VAL A 264 6.81 -22.00 8.45
CA VAL A 264 6.54 -23.38 8.91
C VAL A 264 6.12 -24.26 7.74
N GLU A 265 5.07 -23.86 7.02
CA GLU A 265 4.45 -24.69 5.97
C GLU A 265 5.30 -24.89 4.69
N CYS A 266 5.99 -23.82 4.25
CA CYS A 266 6.84 -23.86 3.05
C CYS A 266 8.32 -24.05 3.40
N PRO A 267 9.12 -24.68 2.50
CA PRO A 267 10.57 -24.78 2.72
C PRO A 267 11.27 -23.45 2.43
N THR A 268 12.32 -23.16 3.20
CA THR A 268 13.08 -21.89 3.08
C THR A 268 13.81 -21.66 1.74
N GLU A 269 14.06 -22.73 0.97
CA GLU A 269 14.62 -22.64 -0.40
C GLU A 269 13.77 -21.79 -1.37
N LEU A 270 12.45 -21.86 -1.22
CA LEU A 270 11.49 -21.08 -2.03
C LEU A 270 11.30 -19.60 -1.62
N PHE A 271 11.88 -19.16 -0.49
CA PHE A 271 11.84 -17.76 -0.03
C PHE A 271 13.03 -17.00 -0.63
N PRO A 272 12.79 -15.87 -1.33
CA PRO A 272 13.90 -14.99 -1.71
C PRO A 272 14.60 -14.36 -0.49
N PRO A 273 15.91 -14.02 -0.59
CA PRO A 273 16.60 -13.44 0.57
C PRO A 273 16.02 -12.13 1.10
N LEU A 274 15.52 -11.26 0.22
CA LEU A 274 14.91 -9.98 0.59
C LEU A 274 13.57 -10.15 1.30
N PHE A 275 12.71 -11.00 0.72
CA PHE A 275 11.43 -11.40 1.33
C PHE A 275 11.58 -11.92 2.75
N LEU A 276 12.65 -12.69 3.00
CA LEU A 276 13.04 -13.07 4.36
C LEU A 276 13.43 -11.82 5.15
N GLU A 277 14.43 -11.08 4.64
CA GLU A 277 14.98 -9.89 5.31
C GLU A 277 13.94 -8.83 5.75
N VAL A 278 12.93 -8.59 4.91
CA VAL A 278 11.92 -7.55 5.18
C VAL A 278 10.92 -7.93 6.28
N PHE A 279 10.49 -9.19 6.30
CA PHE A 279 9.45 -9.66 7.24
C PHE A 279 9.93 -10.53 8.43
N GLU A 280 11.24 -10.80 8.53
CA GLU A 280 11.82 -11.48 9.70
C GLU A 280 12.06 -10.47 10.84
N ASP A 281 11.72 -10.86 12.08
CA ASP A 281 11.92 -10.05 13.30
C ASP A 281 11.16 -8.72 13.33
#